data_9B4J
#
_entry.id   9B4J
#
_cell.length_a   1.00
_cell.length_b   1.00
_cell.length_c   1.00
_cell.angle_alpha   90.00
_cell.angle_beta   90.00
_cell.angle_gamma   90.00
#
_symmetry.space_group_name_H-M   'P 1'
#
_entity_poly.entity_id   1
_entity_poly.type   'polypeptide(D)'
_entity_poly.pdbx_seq_one_letter_code
;(DTH)(DLE)(DLY)(DIL)(DVA)(DTR)(DSN)
;
_entity_poly.pdbx_strand_id   A,B,C,D,E,F,G,H,I,J,K,L,M,N,O,P,Q,R,S,T,U,V,W,X,Y,Z,0,1,2,3,4,5,6,7,8,9,a,b,c,d,e,f,g,h,i,j,k,l,m,n,o,p,q,r,s,t,u,v,w,x
#